data_4R98
#
_entry.id   4R98
#
_cell.length_a   48.452
_cell.length_b   48.452
_cell.length_c   233.393
_cell.angle_alpha   90.00
_cell.angle_beta   90.00
_cell.angle_gamma   90.00
#
_symmetry.space_group_name_H-M   'P 41'
#
loop_
_entity.id
_entity.type
_entity.pdbx_description
1 polymer 'Ferrous iron transport protein B'
2 non-polymer 'AMINOPHOSPHONIC ACID-GUANYLATE ESTER'
3 water water
#
_entity_poly.entity_id   1
_entity_poly.type   'polypeptide(L)'
_entity_poly.pdbx_seq_one_letter_code
;MKKLTIGLIGNPNSGKTTLFNQLTGSRQRVGNWAGVTVERKEGQFSTTDHQVTLVDLPGTYSLTTISSQTSLDEQIACHY
ILSGDADLLINVVDASNLERNLYLTLQLLELGIPCIVALNMLDIAEKQNIRIEIDALSARLGCPVIPLVATDTKNVQFVL
KLAIDRYKANENVELVHYAQPLLNEADSLAKVMPSDIPLKQRRWLGLQMLEGDIYSRAYAGEASQHLDAALARLRNEMDD
PALHIADARYQCIAAICDVVSNTLTAEPSRF
;
_entity_poly.pdbx_strand_id   A,B
#
loop_
_chem_comp.id
_chem_comp.type
_chem_comp.name
_chem_comp.formula
GNH non-polymer 'AMINOPHOSPHONIC ACID-GUANYLATE ESTER' 'C10 H16 N6 O10 P2'
#
# COMPACT_ATOMS: atom_id res chain seq x y z
N LYS A 2 30.51 10.48 -1.26
CA LYS A 2 29.21 10.47 -2.01
C LYS A 2 28.02 9.90 -1.23
N LYS A 3 28.28 9.05 -0.24
CA LYS A 3 27.22 8.40 0.53
C LYS A 3 26.18 9.37 1.08
N LEU A 4 24.90 9.01 0.94
CA LEU A 4 23.79 9.79 1.49
C LEU A 4 22.58 8.89 1.71
N THR A 5 22.10 8.84 2.96
CA THR A 5 20.95 8.01 3.31
C THR A 5 19.68 8.87 3.34
N ILE A 6 18.72 8.53 2.49
CA ILE A 6 17.42 9.21 2.45
C ILE A 6 16.32 8.23 2.85
N GLY A 7 15.35 8.74 3.61
CA GLY A 7 14.20 7.94 4.04
C GLY A 7 12.90 8.51 3.51
N LEU A 8 12.26 7.80 2.58
CA LEU A 8 10.94 8.19 2.10
C LEU A 8 9.92 7.95 3.21
N ILE A 9 9.09 8.95 3.46
CA ILE A 9 8.07 8.89 4.51
C ILE A 9 6.80 9.57 4.00
N GLY A 10 5.64 9.00 4.32
CA GLY A 10 4.37 9.56 3.87
C GLY A 10 3.16 8.72 4.23
N ASN A 11 1.98 9.28 3.97
CA ASN A 11 0.72 8.59 4.22
C ASN A 11 0.51 7.45 3.23
N PRO A 12 -0.30 6.44 3.61
CA PRO A 12 -0.61 5.36 2.68
C PRO A 12 -1.50 5.86 1.53
N ASN A 13 -1.23 5.35 0.33
CA ASN A 13 -1.93 5.76 -0.88
C ASN A 13 -1.72 7.24 -1.21
N SER A 14 -0.47 7.67 -1.20
CA SER A 14 -0.09 9.04 -1.57
C SER A 14 0.99 9.07 -2.64
N GLY A 15 1.09 7.98 -3.42
CA GLY A 15 2.08 7.86 -4.49
C GLY A 15 3.49 7.64 -4.00
N LYS A 16 3.65 6.95 -2.88
CA LYS A 16 4.95 6.73 -2.28
C LYS A 16 5.76 5.65 -3.01
N THR A 17 5.12 4.50 -3.27
CA THR A 17 5.77 3.40 -3.97
C THR A 17 6.10 3.77 -5.42
N THR A 18 5.22 4.56 -6.03
CA THR A 18 5.46 5.07 -7.38
C THR A 18 6.74 5.90 -7.44
N LEU A 19 6.87 6.86 -6.51
CA LEU A 19 8.05 7.72 -6.46
C LEU A 19 9.30 6.93 -6.11
N PHE A 20 9.19 6.00 -5.16
CA PHE A 20 10.29 5.11 -4.80
C PHE A 20 10.79 4.35 -6.03
N ASN A 21 9.87 3.74 -6.77
CA ASN A 21 10.19 2.99 -7.98
C ASN A 21 10.74 3.86 -9.10
N GLN A 22 10.18 5.07 -9.27
CA GLN A 22 10.62 5.99 -10.30
C GLN A 22 12.06 6.45 -10.11
N LEU A 23 12.48 6.63 -8.85
CA LEU A 23 13.85 7.03 -8.54
C LEU A 23 14.81 5.83 -8.54
N THR A 24 14.35 4.69 -8.02
CA THR A 24 15.20 3.51 -7.88
C THR A 24 15.23 2.62 -9.14
N GLY A 25 14.10 2.54 -9.83
CA GLY A 25 13.97 1.68 -11.01
C GLY A 25 13.87 0.21 -10.61
N SER A 26 14.92 -0.55 -10.92
CA SER A 26 15.03 -1.96 -10.49
C SER A 26 16.32 -2.19 -9.70
N ARG A 27 16.85 -1.13 -9.10
CA ARG A 27 18.06 -1.20 -8.27
C ARG A 27 17.64 -1.25 -6.81
N GLN A 28 16.93 -2.32 -6.44
CA GLN A 28 16.30 -2.42 -5.11
C GLN A 28 16.66 -3.73 -4.43
N ARG A 29 16.63 -3.72 -3.10
CA ARG A 29 16.95 -4.92 -2.32
C ARG A 29 15.96 -5.09 -1.16
N VAL A 30 15.03 -6.01 -1.32
CA VAL A 30 14.03 -6.28 -0.29
C VAL A 30 14.53 -7.32 0.71
N GLY A 31 14.77 -6.89 1.94
CA GLY A 31 15.25 -7.78 2.99
C GLY A 31 14.29 -7.86 4.16
N ASN A 32 14.76 -7.43 5.33
CA ASN A 32 13.95 -7.45 6.53
C ASN A 32 14.62 -6.73 7.70
N TRP A 33 13.83 -5.97 8.45
CA TRP A 33 14.34 -5.22 9.58
C TRP A 33 14.83 -6.17 10.67
N ALA A 34 16.01 -5.90 11.21
CA ALA A 34 16.56 -6.66 12.34
C ALA A 34 16.62 -8.16 12.07
N GLU A 39 8.77 -6.00 6.37
CA GLU A 39 9.56 -5.78 5.17
C GLU A 39 10.34 -4.47 5.23
N ARG A 40 11.65 -4.56 5.03
CA ARG A 40 12.47 -3.38 4.78
C ARG A 40 12.76 -3.31 3.28
N LYS A 41 12.34 -2.21 2.65
CA LYS A 41 12.60 -1.98 1.24
C LYS A 41 13.69 -0.92 1.11
N GLU A 42 14.68 -1.19 0.27
CA GLU A 42 15.85 -0.33 0.11
C GLU A 42 16.21 -0.21 -1.37
N GLY A 43 16.61 0.98 -1.80
CA GLY A 43 16.92 1.23 -3.21
C GLY A 43 18.13 2.12 -3.42
N GLN A 44 18.62 2.14 -4.66
CA GLN A 44 19.80 2.91 -5.04
C GLN A 44 19.51 3.80 -6.24
N PHE A 45 20.03 5.02 -6.22
CA PHE A 45 19.97 5.92 -7.37
C PHE A 45 21.07 6.97 -7.30
N SER A 46 21.50 7.44 -8.48
CA SER A 46 22.62 8.38 -8.59
C SER A 46 22.14 9.82 -8.74
N THR A 47 22.82 10.72 -8.04
CA THR A 47 22.66 12.16 -8.24
C THR A 47 23.99 12.69 -8.76
N THR A 48 24.11 14.01 -8.91
CA THR A 48 25.37 14.63 -9.33
C THR A 48 26.45 14.46 -8.26
N ASP A 49 26.11 14.82 -7.02
CA ASP A 49 27.08 14.84 -5.92
C ASP A 49 27.04 13.59 -5.03
N HIS A 50 25.97 12.81 -5.12
CA HIS A 50 25.78 11.67 -4.21
C HIS A 50 25.36 10.37 -4.89
N GLN A 51 25.66 9.27 -4.21
CA GLN A 51 25.07 7.96 -4.51
C GLN A 51 24.14 7.65 -3.34
N VAL A 52 22.84 7.63 -3.60
CA VAL A 52 21.84 7.63 -2.53
C VAL A 52 21.41 6.22 -2.13
N THR A 53 21.29 6.00 -0.82
CA THR A 53 20.63 4.82 -0.28
C THR A 53 19.22 5.21 0.12
N LEU A 54 18.24 4.81 -0.68
CA LEU A 54 16.85 5.18 -0.44
C LEU A 54 16.15 4.15 0.43
N VAL A 55 15.97 4.48 1.72
CA VAL A 55 15.28 3.60 2.66
C VAL A 55 13.79 3.90 2.66
N ASP A 56 13.01 2.99 2.08
CA ASP A 56 11.55 3.05 2.14
C ASP A 56 11.10 2.75 3.57
N LEU A 57 10.18 3.57 4.08
CA LEU A 57 9.60 3.36 5.41
C LEU A 57 8.13 2.97 5.29
N PRO A 58 7.59 2.25 6.30
CA PRO A 58 6.17 1.88 6.26
C PRO A 58 5.25 3.10 6.29
N GLY A 59 4.23 3.10 5.44
CA GLY A 59 3.28 4.21 5.34
C GLY A 59 2.51 4.42 6.63
N THR A 60 2.44 5.68 7.07
CA THR A 60 1.79 6.01 8.34
C THR A 60 1.16 7.40 8.30
N TYR A 61 0.09 7.58 9.08
CA TYR A 61 -0.58 8.87 9.22
C TYR A 61 0.04 9.72 10.33
N SER A 62 0.65 9.06 11.32
CA SER A 62 1.19 9.75 12.48
C SER A 62 2.39 9.02 13.10
N LEU A 63 3.34 9.79 13.62
CA LEU A 63 4.45 9.25 14.40
C LEU A 63 4.03 8.95 15.84
N THR A 64 2.79 9.29 16.19
CA THR A 64 2.23 9.00 17.52
C THR A 64 0.90 8.26 17.38
N THR A 65 0.42 7.70 18.50
CA THR A 65 -0.90 7.09 18.57
C THR A 65 -1.51 7.33 19.95
N GLN A 69 -2.57 0.32 20.35
CA GLN A 69 -1.27 -0.30 20.08
C GLN A 69 -0.88 -0.16 18.60
N THR A 70 -1.80 -0.57 17.72
CA THR A 70 -1.60 -0.48 16.26
C THR A 70 -0.53 -1.47 15.78
N SER A 71 -0.30 -1.50 14.46
CA SER A 71 0.59 -2.49 13.84
C SER A 71 2.07 -2.23 14.09
N LEU A 72 2.89 -3.21 13.72
CA LEU A 72 4.35 -3.13 13.82
C LEU A 72 4.93 -2.13 12.82
N ASP A 73 4.26 -1.98 11.67
CA ASP A 73 4.66 -1.03 10.65
C ASP A 73 4.75 0.40 11.17
N GLU A 74 3.82 0.76 12.05
CA GLU A 74 3.74 2.12 12.59
C GLU A 74 4.94 2.44 13.47
N GLN A 75 5.32 1.48 14.31
CA GLN A 75 6.40 1.67 15.29
C GLN A 75 7.78 1.79 14.65
N ILE A 76 8.09 0.89 13.73
CA ILE A 76 9.39 0.89 13.05
C ILE A 76 9.59 2.19 12.26
N ALA A 77 8.52 2.68 11.63
CA ALA A 77 8.55 3.96 10.92
C ALA A 77 8.89 5.10 11.87
N CYS A 78 8.21 5.13 13.02
CA CYS A 78 8.47 6.15 14.04
C CYS A 78 9.89 6.06 14.58
N HIS A 79 10.30 4.86 14.96
CA HIS A 79 11.62 4.65 15.56
C HIS A 79 12.76 5.03 14.60
N TYR A 80 12.59 4.73 13.31
CA TYR A 80 13.61 5.06 12.32
C TYR A 80 13.86 6.57 12.22
N ILE A 81 12.80 7.37 12.32
CA ILE A 81 12.91 8.83 12.21
C ILE A 81 13.66 9.39 13.40
N LEU A 82 13.41 8.85 14.60
CA LEU A 82 14.15 9.23 15.80
C LEU A 82 15.59 8.72 15.77
N SER A 83 15.79 7.50 15.27
CA SER A 83 17.13 6.89 15.22
C SER A 83 18.18 7.84 14.62
N GLY A 84 17.76 8.60 13.62
CA GLY A 84 18.62 9.63 13.03
C GLY A 84 19.71 9.08 12.12
N ASP A 85 19.47 7.90 11.55
CA ASP A 85 20.39 7.28 10.62
C ASP A 85 20.40 8.04 9.28
N ALA A 86 19.22 8.52 8.89
CA ALA A 86 19.07 9.26 7.63
C ALA A 86 19.64 10.66 7.74
N ASP A 87 20.26 11.12 6.65
CA ASP A 87 20.77 12.48 6.55
C ASP A 87 19.62 13.42 6.22
N LEU A 88 18.88 13.05 5.16
CA LEU A 88 17.70 13.79 4.72
C LEU A 88 16.49 12.87 4.74
N LEU A 89 15.31 13.46 4.91
CA LEU A 89 14.04 12.74 4.79
C LEU A 89 13.22 13.36 3.67
N ILE A 90 12.80 12.54 2.70
CA ILE A 90 11.91 13.02 1.64
C ILE A 90 10.48 12.61 1.98
N ASN A 91 9.64 13.62 2.23
CA ASN A 91 8.27 13.40 2.70
C ASN A 91 7.27 13.48 1.53
N VAL A 92 6.77 12.32 1.11
CA VAL A 92 5.83 12.24 -0.02
C VAL A 92 4.44 12.66 0.44
N VAL A 93 3.95 13.77 -0.10
CA VAL A 93 2.66 14.34 0.30
C VAL A 93 1.66 14.29 -0.85
N ASP A 94 0.42 13.93 -0.53
CA ASP A 94 -0.69 13.99 -1.48
C ASP A 94 -1.24 15.42 -1.50
N ALA A 95 -1.05 16.11 -2.62
CA ALA A 95 -1.49 17.49 -2.76
C ALA A 95 -3.01 17.64 -2.77
N SER A 96 -3.70 16.61 -3.23
CA SER A 96 -5.17 16.63 -3.33
C SER A 96 -5.86 16.58 -1.96
N ASN A 97 -5.17 16.04 -0.95
CA ASN A 97 -5.67 16.00 0.42
C ASN A 97 -4.59 16.53 1.36
N LEU A 98 -4.34 17.84 1.26
CA LEU A 98 -3.21 18.47 1.95
C LEU A 98 -3.34 18.43 3.47
N GLU A 99 -4.45 18.95 3.99
CA GLU A 99 -4.68 19.00 5.44
C GLU A 99 -4.44 17.66 6.12
N ARG A 100 -5.02 16.61 5.54
CA ARG A 100 -4.91 15.25 6.07
C ARG A 100 -3.46 14.75 6.07
N ASN A 101 -2.70 15.14 5.05
CA ASN A 101 -1.31 14.71 4.90
C ASN A 101 -0.31 15.57 5.68
N LEU A 102 -0.70 16.82 6.00
CA LEU A 102 0.22 17.76 6.67
C LEU A 102 0.58 17.40 8.12
N TYR A 103 -0.23 16.57 8.77
CA TYR A 103 0.01 16.21 10.17
C TYR A 103 1.33 15.46 10.37
N LEU A 104 1.69 14.61 9.41
CA LEU A 104 2.98 13.93 9.44
C LEU A 104 4.12 14.90 9.13
N THR A 105 3.89 15.78 8.15
CA THR A 105 4.87 16.80 7.76
C THR A 105 5.18 17.76 8.92
N LEU A 106 4.16 18.10 9.70
CA LEU A 106 4.34 18.94 10.88
C LEU A 106 5.23 18.26 11.92
N GLN A 107 4.97 16.97 12.16
CA GLN A 107 5.74 16.19 13.13
C GLN A 107 7.22 16.10 12.77
N LEU A 108 7.52 15.92 11.49
CA LEU A 108 8.90 15.88 11.02
C LEU A 108 9.60 17.23 11.23
N LEU A 109 8.88 18.32 10.97
CA LEU A 109 9.43 19.66 11.15
C LEU A 109 9.52 20.05 12.62
N GLU A 110 8.59 19.56 13.44
CA GLU A 110 8.67 19.74 14.90
C GLU A 110 9.87 19.01 15.50
N LEU A 111 10.24 17.88 14.90
CA LEU A 111 11.45 17.14 15.30
C LEU A 111 12.74 17.82 14.85
N GLY A 112 12.63 18.81 13.97
CA GLY A 112 13.78 19.60 13.52
C GLY A 112 14.71 18.84 12.59
N ILE A 113 14.15 17.86 11.89
CA ILE A 113 14.94 16.98 11.02
C ILE A 113 14.96 17.55 9.60
N PRO A 114 16.18 17.76 9.04
CA PRO A 114 16.29 18.23 7.65
C PRO A 114 15.48 17.36 6.69
N CYS A 115 14.61 17.98 5.90
CA CYS A 115 13.71 17.23 5.03
C CYS A 115 13.29 18.02 3.80
N ILE A 116 12.95 17.27 2.73
CA ILE A 116 12.36 17.84 1.53
C ILE A 116 10.95 17.24 1.37
N VAL A 117 9.96 18.10 1.17
CA VAL A 117 8.60 17.63 0.91
C VAL A 117 8.39 17.43 -0.58
N ALA A 118 8.10 16.19 -0.96
CA ALA A 118 7.76 15.85 -2.33
C ALA A 118 6.24 16.01 -2.52
N LEU A 119 5.82 17.20 -2.93
CA LEU A 119 4.40 17.51 -3.11
C LEU A 119 3.89 16.81 -4.39
N ASN A 120 3.21 15.69 -4.19
CA ASN A 120 2.85 14.77 -5.27
C ASN A 120 1.35 14.78 -5.56
N MET A 121 0.97 14.14 -6.67
CA MET A 121 -0.44 14.03 -7.09
C MET A 121 -1.07 15.41 -7.32
N LEU A 122 -0.30 16.32 -7.89
CA LEU A 122 -0.77 17.69 -8.16
C LEU A 122 -1.80 17.73 -9.29
N ASP A 123 -1.66 16.82 -10.27
CA ASP A 123 -2.62 16.71 -11.36
C ASP A 123 -4.02 16.33 -10.86
N ILE A 124 -4.09 15.50 -9.82
CA ILE A 124 -5.37 15.12 -9.21
C ILE A 124 -5.96 16.32 -8.46
N ALA A 125 -5.11 17.06 -7.74
CA ALA A 125 -5.51 18.28 -7.05
C ALA A 125 -6.01 19.34 -8.03
N GLU A 126 -5.33 19.44 -9.17
CA GLU A 126 -5.74 20.33 -10.25
C GLU A 126 -7.10 19.92 -10.83
N LYS A 127 -7.29 18.62 -11.01
CA LYS A 127 -8.57 18.07 -11.48
C LYS A 127 -9.70 18.31 -10.48
N GLN A 128 -9.36 18.37 -9.19
CA GLN A 128 -10.32 18.69 -8.13
C GLN A 128 -10.41 20.20 -7.84
N ASN A 129 -9.96 21.03 -8.78
CA ASN A 129 -10.04 22.49 -8.67
C ASN A 129 -9.31 23.05 -7.44
N ILE A 130 -8.06 22.61 -7.25
CA ILE A 130 -7.22 23.09 -6.16
C ILE A 130 -5.83 23.44 -6.70
N ARG A 131 -5.45 24.71 -6.56
CA ARG A 131 -4.13 25.19 -6.96
C ARG A 131 -3.30 25.55 -5.73
N ILE A 132 -2.44 24.62 -5.33
CA ILE A 132 -1.56 24.83 -4.18
C ILE A 132 -0.39 25.75 -4.57
N GLU A 133 -0.09 26.71 -3.69
CA GLU A 133 0.99 27.66 -3.91
C GLU A 133 2.27 27.11 -3.28
N ILE A 134 3.25 26.78 -4.11
CA ILE A 134 4.44 26.05 -3.69
C ILE A 134 5.36 26.89 -2.79
N ASP A 135 5.72 28.08 -3.27
CA ASP A 135 6.63 28.97 -2.52
C ASP A 135 6.05 29.38 -1.17
N ALA A 136 4.73 29.58 -1.12
CA ALA A 136 4.03 29.92 0.12
C ALA A 136 4.09 28.77 1.12
N LEU A 137 3.94 27.54 0.63
CA LEU A 137 4.02 26.34 1.48
C LEU A 137 5.44 26.15 2.01
N SER A 138 6.42 26.31 1.12
CA SER A 138 7.84 26.18 1.49
C SER A 138 8.24 27.22 2.54
N ALA A 139 7.72 28.44 2.40
CA ALA A 139 8.01 29.52 3.33
C ALA A 139 7.46 29.25 4.73
N ARG A 140 6.22 28.76 4.81
CA ARG A 140 5.57 28.48 6.09
C ARG A 140 6.02 27.17 6.74
N LEU A 141 6.41 26.19 5.93
CA LEU A 141 6.96 24.94 6.45
C LEU A 141 8.45 25.07 6.79
N GLY A 142 9.18 25.83 5.97
CA GLY A 142 10.61 26.05 6.18
C GLY A 142 11.46 24.94 5.61
N CYS A 143 11.05 24.41 4.45
CA CYS A 143 11.79 23.35 3.78
C CYS A 143 11.44 23.32 2.29
N PRO A 144 12.36 22.81 1.44
CA PRO A 144 12.07 22.74 0.01
C PRO A 144 10.82 21.91 -0.32
N VAL A 145 9.93 22.49 -1.11
CA VAL A 145 8.74 21.79 -1.59
C VAL A 145 8.89 21.59 -3.10
N ILE A 146 8.89 20.32 -3.53
CA ILE A 146 9.05 19.98 -4.94
C ILE A 146 7.71 19.51 -5.50
N PRO A 147 7.13 20.26 -6.46
CA PRO A 147 5.88 19.82 -7.09
C PRO A 147 6.11 18.62 -8.00
N LEU A 148 5.21 17.63 -7.94
CA LEU A 148 5.42 16.38 -8.64
C LEU A 148 4.15 15.74 -9.21
N VAL A 149 4.35 15.01 -10.30
CA VAL A 149 3.41 14.02 -10.80
C VAL A 149 4.24 12.74 -10.92
N ALA A 150 4.27 11.96 -9.84
CA ALA A 150 5.20 10.84 -9.70
C ALA A 150 5.15 9.85 -10.87
N THR A 151 3.95 9.63 -11.41
CA THR A 151 3.77 8.68 -12.52
C THR A 151 4.47 9.09 -13.82
N ASP A 152 4.75 10.39 -13.97
CA ASP A 152 5.42 10.90 -15.16
C ASP A 152 6.93 11.00 -14.93
N THR A 153 7.70 10.19 -15.67
CA THR A 153 9.16 10.16 -15.55
C THR A 153 9.79 11.50 -15.94
N LYS A 154 9.19 12.17 -16.92
CA LYS A 154 9.60 13.51 -17.33
C LYS A 154 9.57 14.49 -16.16
N ASN A 155 8.52 14.43 -15.36
CA ASN A 155 8.32 15.33 -14.22
C ASN A 155 9.24 15.01 -13.04
N VAL A 156 9.39 13.73 -12.71
CA VAL A 156 10.15 13.31 -11.53
C VAL A 156 11.64 13.69 -11.62
N GLN A 157 12.21 13.60 -12.82
CA GLN A 157 13.62 13.94 -13.03
C GLN A 157 13.88 15.45 -13.20
N PHE A 158 12.84 16.25 -13.08
CA PHE A 158 12.94 17.70 -13.34
C PHE A 158 13.85 18.44 -12.36
N VAL A 159 13.60 18.32 -11.06
CA VAL A 159 14.40 19.04 -10.06
C VAL A 159 14.70 18.26 -8.77
N LEU A 160 13.92 17.22 -8.47
CA LEU A 160 14.12 16.46 -7.22
C LEU A 160 15.55 16.08 -6.83
N LYS A 161 16.28 15.50 -7.78
CA LYS A 161 17.69 15.14 -7.55
C LYS A 161 18.56 16.38 -7.36
N LEU A 162 18.17 17.49 -7.99
CA LEU A 162 18.86 18.77 -7.83
C LEU A 162 18.63 19.30 -6.41
N ALA A 163 17.41 19.17 -5.91
CA ALA A 163 17.06 19.60 -4.56
C ALA A 163 17.76 18.78 -3.48
N ILE A 164 17.89 17.47 -3.72
CA ILE A 164 18.56 16.56 -2.79
C ILE A 164 20.02 16.96 -2.56
N ASP A 165 20.72 17.32 -3.63
CA ASP A 165 22.14 17.69 -3.55
C ASP A 165 22.38 18.98 -2.76
N ARG A 166 21.47 19.94 -2.86
CA ARG A 166 21.62 21.23 -2.16
C ARG A 166 20.83 21.30 -0.85
N TYR A 167 20.56 20.16 -0.22
CA TYR A 167 19.73 20.15 1.00
C TYR A 167 20.46 20.80 2.16
N LYS A 168 19.70 21.45 3.03
CA LYS A 168 20.22 22.05 4.25
C LYS A 168 19.26 21.76 5.40
N ALA A 169 19.62 22.24 6.59
CA ALA A 169 18.72 22.15 7.74
C ALA A 169 17.52 23.05 7.52
N ASN A 170 16.40 22.70 8.13
CA ASN A 170 15.15 23.45 7.95
C ASN A 170 15.26 24.86 8.49
N GLU A 171 14.48 25.77 7.92
CA GLU A 171 14.37 27.13 8.45
C GLU A 171 13.66 27.04 9.80
N ASN A 172 14.14 27.80 10.78
CA ASN A 172 13.64 27.70 12.15
C ASN A 172 12.33 28.49 12.33
N VAL A 173 11.35 28.18 11.48
CA VAL A 173 10.08 28.91 11.44
C VAL A 173 9.13 28.44 12.55
N GLU A 174 8.21 29.31 12.92
CA GLU A 174 7.26 29.02 13.99
C GLU A 174 6.12 28.16 13.45
N LEU A 175 5.80 27.08 14.17
CA LEU A 175 4.78 26.13 13.73
C LEU A 175 3.56 26.15 14.64
N VAL A 176 3.56 25.34 15.70
CA VAL A 176 2.41 25.26 16.61
C VAL A 176 2.72 26.09 17.85
N HIS A 177 1.75 26.93 18.25
CA HIS A 177 1.89 27.77 19.44
C HIS A 177 1.05 27.22 20.58
N TYR A 178 1.66 26.35 21.36
CA TYR A 178 1.00 25.74 22.51
C TYR A 178 0.97 26.74 23.67
N ALA A 179 -0.01 26.58 24.56
CA ALA A 179 -0.07 27.37 25.78
C ALA A 179 1.19 27.13 26.61
N GLN A 180 1.56 28.12 27.41
CA GLN A 180 2.84 28.07 28.14
C GLN A 180 2.93 26.94 29.17
N PRO A 181 1.82 26.63 29.87
CA PRO A 181 1.83 25.50 30.81
C PRO A 181 2.20 24.15 30.17
N LEU A 182 1.80 23.95 28.92
CA LEU A 182 2.16 22.74 28.17
C LEU A 182 3.67 22.69 27.92
N LEU A 183 4.22 23.82 27.47
CA LEU A 183 5.65 23.95 27.20
C LEU A 183 6.49 23.82 28.48
N ASN A 184 5.93 24.28 29.60
CA ASN A 184 6.59 24.16 30.90
C ASN A 184 6.75 22.71 31.35
N GLU A 185 5.65 21.97 31.33
CA GLU A 185 5.64 20.58 31.78
C GLU A 185 6.37 19.66 30.80
N ALA A 186 6.27 19.96 29.51
CA ALA A 186 7.01 19.23 28.47
C ALA A 186 8.52 19.42 28.62
N ASP A 187 8.92 20.62 29.03
CA ASP A 187 10.33 20.93 29.26
C ASP A 187 10.86 20.25 30.53
N SER A 188 10.04 20.22 31.58
CA SER A 188 10.40 19.52 32.82
C SER A 188 10.61 18.03 32.57
N LEU A 189 9.74 17.45 31.74
CA LEU A 189 9.88 16.06 31.31
C LEU A 189 11.13 15.89 30.44
N ALA A 190 11.42 16.88 29.61
CA ALA A 190 12.59 16.87 28.73
C ALA A 190 13.93 16.87 29.48
N LYS A 191 13.97 17.49 30.66
CA LYS A 191 15.19 17.52 31.47
C LYS A 191 15.54 16.14 32.07
N VAL A 192 14.54 15.27 32.17
CA VAL A 192 14.72 13.92 32.71
C VAL A 192 15.27 12.96 31.64
N MET A 193 15.10 13.32 30.37
CA MET A 193 15.47 12.44 29.26
C MET A 193 16.96 12.57 28.96
N PRO A 194 17.59 11.49 28.44
CA PRO A 194 19.01 11.51 28.08
C PRO A 194 19.39 12.66 27.14
N SER A 195 20.52 13.32 27.42
CA SER A 195 20.90 14.54 26.72
C SER A 195 21.40 14.32 25.29
N ASP A 196 21.76 13.10 24.94
CA ASP A 196 22.18 12.79 23.57
C ASP A 196 21.04 12.96 22.56
N ILE A 197 19.80 12.91 23.07
CA ILE A 197 18.63 13.30 22.28
C ILE A 197 18.61 14.83 22.23
N PRO A 198 18.53 15.43 21.03
CA PRO A 198 18.47 16.89 20.92
C PRO A 198 17.33 17.51 21.75
N LEU A 199 17.59 18.67 22.35
CA LEU A 199 16.63 19.35 23.22
C LEU A 199 15.29 19.62 22.53
N LYS A 200 15.33 19.94 21.24
CA LYS A 200 14.12 20.25 20.49
C LYS A 200 13.21 19.03 20.32
N GLN A 201 13.81 17.84 20.21
CA GLN A 201 13.06 16.60 20.11
C GLN A 201 12.58 16.10 21.48
N ARG A 202 13.40 16.34 22.52
CA ARG A 202 13.03 15.97 23.89
C ARG A 202 11.76 16.70 24.37
N ARG A 203 11.62 17.97 23.98
CA ARG A 203 10.43 18.75 24.31
C ARG A 203 9.20 18.27 23.55
N TRP A 204 9.37 17.97 22.27
CA TRP A 204 8.28 17.42 21.46
C TRP A 204 7.81 16.09 22.02
N LEU A 205 8.75 15.21 22.31
CA LEU A 205 8.44 13.90 22.90
C LEU A 205 7.67 14.05 24.21
N GLY A 206 8.14 14.96 25.07
CA GLY A 206 7.44 15.27 26.32
C GLY A 206 5.99 15.65 26.12
N LEU A 207 5.73 16.43 25.07
CA LEU A 207 4.37 16.85 24.73
C LEU A 207 3.50 15.67 24.27
N GLN A 208 4.10 14.73 23.55
CA GLN A 208 3.38 13.53 23.10
C GLN A 208 2.97 12.67 24.29
N MET A 209 3.83 12.62 25.31
CA MET A 209 3.54 11.86 26.53
C MET A 209 2.31 12.43 27.22
N LEU A 210 2.26 13.75 27.31
CA LEU A 210 1.13 14.46 27.96
C LEU A 210 -0.19 14.23 27.22
N GLU A 211 -0.13 14.13 25.89
CA GLU A 211 -1.31 13.86 25.08
C GLU A 211 -1.76 12.40 25.20
N GLY A 212 -0.84 11.53 25.61
CA GLY A 212 -1.12 10.11 25.80
C GLY A 212 -0.57 9.21 24.70
N ASP A 213 0.53 9.65 24.08
CA ASP A 213 1.20 8.85 23.06
C ASP A 213 1.91 7.67 23.71
N ILE A 214 1.72 6.48 23.14
CA ILE A 214 2.31 5.26 23.68
C ILE A 214 3.78 5.07 23.28
N TYR A 215 4.17 5.59 22.12
CA TYR A 215 5.52 5.40 21.60
C TYR A 215 6.57 6.26 22.33
N SER A 216 6.27 7.55 22.47
CA SER A 216 7.24 8.55 22.95
C SER A 216 7.88 8.24 24.32
N ARG A 217 7.17 7.50 25.16
CA ARG A 217 7.67 7.10 26.48
C ARG A 217 9.03 6.39 26.42
N ALA A 218 9.25 5.62 25.36
CA ALA A 218 10.47 4.85 25.17
C ALA A 218 11.76 5.70 25.21
N TYR A 219 11.68 6.92 24.69
CA TYR A 219 12.85 7.81 24.58
C TYR A 219 12.92 8.81 25.74
N ALA A 220 12.12 8.58 26.78
CA ALA A 220 11.97 9.55 27.87
C ALA A 220 12.78 9.20 29.12
N GLY A 221 13.33 7.98 29.17
CA GLY A 221 14.02 7.51 30.36
C GLY A 221 13.03 7.23 31.49
N GLU A 222 13.14 7.99 32.58
CA GLU A 222 12.22 7.87 33.70
C GLU A 222 11.22 9.03 33.76
N ALA A 223 11.13 9.81 32.68
CA ALA A 223 10.21 10.94 32.61
C ALA A 223 8.75 10.50 32.50
N SER A 224 8.53 9.30 31.96
CA SER A 224 7.18 8.75 31.79
C SER A 224 6.45 8.54 33.11
N GLN A 225 7.20 8.30 34.18
CA GLN A 225 6.62 8.09 35.51
C GLN A 225 6.11 9.38 36.16
N HIS A 226 6.58 10.54 35.68
CA HIS A 226 6.19 11.84 36.25
C HIS A 226 5.01 12.47 35.51
N LEU A 227 4.25 11.66 34.77
CA LEU A 227 3.23 12.18 33.86
C LEU A 227 1.99 12.68 34.61
N ASP A 228 1.48 11.85 35.52
CA ASP A 228 0.24 12.16 36.23
C ASP A 228 0.35 13.41 37.10
N ALA A 229 1.53 13.64 37.69
CA ALA A 229 1.79 14.83 38.50
C ALA A 229 1.77 16.09 37.65
N ALA A 230 2.39 16.02 36.47
CA ALA A 230 2.35 17.11 35.51
C ALA A 230 0.93 17.34 35.00
N LEU A 231 0.23 16.24 34.71
CA LEU A 231 -1.17 16.30 34.26
C LEU A 231 -2.10 16.90 35.32
N ALA A 232 -1.77 16.69 36.60
CA ALA A 232 -2.57 17.25 37.70
C ALA A 232 -2.54 18.78 37.71
N ARG A 233 -1.34 19.35 37.60
CA ARG A 233 -1.18 20.80 37.53
C ARG A 233 -1.72 21.40 36.22
N LEU A 234 -1.69 20.60 35.15
CA LEU A 234 -2.30 21.00 33.88
C LEU A 234 -3.82 20.94 33.94
N ARG A 235 -4.36 19.92 34.60
CA ARG A 235 -5.81 19.73 34.71
C ARG A 235 -6.48 20.80 35.58
N ASN A 236 -5.72 21.41 36.48
CA ASN A 236 -6.22 22.53 37.29
C ASN A 236 -5.99 23.89 36.62
N GLU A 237 -5.09 23.93 35.64
CA GLU A 237 -4.84 25.15 34.84
C GLU A 237 -5.72 25.21 33.58
N MET A 238 -6.19 24.05 33.12
CA MET A 238 -7.06 23.96 31.94
C MET A 238 -7.87 22.67 32.00
N ASP A 239 -9.03 22.67 31.34
CA ASP A 239 -9.98 21.56 31.47
C ASP A 239 -9.40 20.19 31.08
N ASP A 240 -8.58 20.17 30.03
CA ASP A 240 -7.89 18.94 29.62
C ASP A 240 -6.62 19.27 28.82
N PRO A 241 -5.46 18.71 29.21
CA PRO A 241 -4.21 19.03 28.54
C PRO A 241 -4.07 18.41 27.14
N ALA A 242 -4.55 17.18 26.98
CA ALA A 242 -4.47 16.48 25.70
C ALA A 242 -5.24 17.20 24.60
N LEU A 243 -6.39 17.75 24.94
CA LEU A 243 -7.22 18.47 23.98
C LEU A 243 -6.56 19.78 23.54
N HIS A 244 -6.02 20.54 24.49
CA HIS A 244 -5.35 21.82 24.20
C HIS A 244 -4.17 21.68 23.24
N ILE A 245 -3.48 20.55 23.30
CA ILE A 245 -2.42 20.24 22.34
C ILE A 245 -3.03 20.07 20.95
N ALA A 246 -4.11 19.30 20.87
CA ALA A 246 -4.80 19.03 19.61
C ALA A 246 -5.48 20.27 19.02
N ASP A 247 -5.88 21.22 19.88
CA ASP A 247 -6.51 22.46 19.43
C ASP A 247 -5.49 23.35 18.70
N ALA A 248 -4.37 23.59 19.38
CA ALA A 248 -3.31 24.44 18.84
C ALA A 248 -2.73 23.88 17.54
N ARG A 249 -2.59 22.55 17.49
CA ARG A 249 -2.13 21.88 16.27
C ARG A 249 -3.02 22.16 15.06
N TYR A 250 -4.34 22.15 15.29
CA TYR A 250 -5.30 22.34 14.20
C TYR A 250 -5.20 23.72 13.57
N GLN A 251 -5.15 24.76 14.39
CA GLN A 251 -5.06 26.14 13.88
C GLN A 251 -3.81 26.35 13.03
N CYS A 252 -2.69 25.76 13.45
CA CYS A 252 -1.45 25.80 12.67
C CYS A 252 -1.64 25.13 11.31
N ILE A 253 -2.09 23.88 11.32
CA ILE A 253 -2.31 23.10 10.10
C ILE A 253 -3.34 23.77 9.19
N ALA A 254 -4.46 24.20 9.79
CA ALA A 254 -5.54 24.84 9.04
C ALA A 254 -5.13 26.20 8.48
N ALA A 255 -4.33 26.96 9.23
CA ALA A 255 -3.84 28.26 8.77
C ALA A 255 -2.88 28.13 7.59
N ILE A 256 -2.11 27.04 7.57
CA ILE A 256 -1.24 26.73 6.44
C ILE A 256 -2.07 26.40 5.20
N CYS A 257 -3.08 25.54 5.38
CA CYS A 257 -3.95 25.11 4.28
C CYS A 257 -4.69 26.27 3.62
N ASP A 258 -5.13 27.24 4.40
CA ASP A 258 -5.88 28.39 3.89
C ASP A 258 -5.04 29.25 2.96
N VAL A 259 -3.88 29.69 3.46
CA VAL A 259 -3.01 30.61 2.72
C VAL A 259 -2.28 29.95 1.55
N VAL A 260 -2.17 28.61 1.58
CA VAL A 260 -1.46 27.86 0.54
C VAL A 260 -2.42 27.37 -0.57
N SER A 261 -3.65 27.01 -0.21
CA SER A 261 -4.61 26.48 -1.19
C SER A 261 -5.45 27.59 -1.83
N ASN A 262 -5.88 27.35 -3.08
CA ASN A 262 -6.68 28.31 -3.84
C ASN A 262 -7.52 27.63 -4.92
N THR A 263 -8.39 28.42 -5.55
CA THR A 263 -9.18 27.96 -6.69
C THR A 263 -8.31 28.00 -7.95
N LEU A 264 -8.38 26.93 -8.75
CA LEU A 264 -7.62 26.86 -10.00
C LEU A 264 -8.25 27.74 -11.05
N LYS B 2 -31.10 -9.76 -1.83
CA LYS B 2 -30.22 -8.67 -2.36
C LYS B 2 -28.86 -8.50 -1.65
N LYS B 3 -28.56 -9.32 -0.65
CA LYS B 3 -27.30 -9.23 0.08
C LYS B 3 -26.17 -9.82 -0.78
N LEU B 4 -25.04 -9.12 -0.83
CA LEU B 4 -23.90 -9.55 -1.62
C LEU B 4 -22.59 -9.13 -0.96
N THR B 5 -21.61 -10.05 -0.95
CA THR B 5 -20.28 -9.78 -0.42
C THR B 5 -19.27 -9.91 -1.55
N ILE B 6 -18.45 -8.88 -1.75
CA ILE B 6 -17.47 -8.86 -2.84
C ILE B 6 -16.06 -8.74 -2.27
N GLY B 7 -15.14 -9.54 -2.80
CA GLY B 7 -13.73 -9.48 -2.44
C GLY B 7 -12.98 -8.55 -3.36
N LEU B 8 -12.28 -7.57 -2.79
CA LEU B 8 -11.46 -6.65 -3.57
C LEU B 8 -10.01 -7.10 -3.50
N ILE B 9 -9.49 -7.60 -4.62
CA ILE B 9 -8.17 -8.21 -4.66
C ILE B 9 -7.35 -7.71 -5.85
N GLY B 10 -6.07 -7.46 -5.62
CA GLY B 10 -5.17 -6.97 -6.66
C GLY B 10 -3.74 -6.86 -6.18
N ASN B 11 -2.84 -6.55 -7.12
CA ASN B 11 -1.42 -6.38 -6.80
C ASN B 11 -1.21 -5.14 -5.92
N PRO B 12 -0.12 -5.12 -5.14
CA PRO B 12 0.28 -3.85 -4.54
C PRO B 12 0.65 -2.85 -5.63
N ASN B 13 0.42 -1.57 -5.37
CA ASN B 13 0.67 -0.50 -6.35
C ASN B 13 -0.24 -0.60 -7.57
N SER B 14 -1.45 -1.14 -7.37
CA SER B 14 -2.43 -1.28 -8.46
C SER B 14 -3.56 -0.25 -8.38
N GLY B 15 -3.54 0.59 -7.36
CA GLY B 15 -4.62 1.55 -7.12
C GLY B 15 -5.85 0.88 -6.55
N LYS B 16 -5.64 -0.09 -5.67
CA LYS B 16 -6.72 -0.86 -5.05
C LYS B 16 -7.48 -0.03 -4.01
N THR B 17 -6.72 0.71 -3.19
CA THR B 17 -7.31 1.55 -2.14
C THR B 17 -8.08 2.73 -2.72
N THR B 18 -7.57 3.31 -3.81
CA THR B 18 -8.24 4.42 -4.48
C THR B 18 -9.63 4.03 -4.98
N LEU B 19 -9.75 2.82 -5.51
CA LEU B 19 -11.05 2.29 -5.95
C LEU B 19 -11.96 2.00 -4.75
N PHE B 20 -11.40 1.42 -3.70
CA PHE B 20 -12.14 1.14 -2.47
C PHE B 20 -12.73 2.42 -1.88
N ASN B 21 -11.90 3.45 -1.79
CA ASN B 21 -12.32 4.75 -1.26
C ASN B 21 -13.39 5.42 -2.12
N GLN B 22 -13.35 5.18 -3.43
CA GLN B 22 -14.38 5.67 -4.35
C GLN B 22 -15.67 4.86 -4.24
N LEU B 23 -15.55 3.54 -4.17
CA LEU B 23 -16.73 2.66 -4.08
C LEU B 23 -17.47 2.82 -2.75
N THR B 24 -16.73 2.82 -1.65
CA THR B 24 -17.32 2.80 -0.31
C THR B 24 -17.53 4.19 0.26
N GLY B 25 -16.57 5.10 0.03
CA GLY B 25 -16.65 6.46 0.53
C GLY B 25 -16.37 6.52 2.03
N SER B 26 -17.25 7.18 2.76
CA SER B 26 -17.13 7.29 4.22
C SER B 26 -17.54 5.99 4.93
N ARG B 27 -18.37 5.18 4.26
CA ARG B 27 -18.87 3.93 4.85
C ARG B 27 -17.77 2.86 4.86
N GLN B 28 -16.84 2.98 5.81
CA GLN B 28 -15.75 2.01 5.97
C GLN B 28 -15.12 2.11 7.35
N ARG B 29 -14.53 1.01 7.82
CA ARG B 29 -13.91 0.95 9.13
C ARG B 29 -12.77 -0.07 9.16
N VAL B 30 -11.75 0.21 9.97
CA VAL B 30 -10.69 -0.76 10.23
C VAL B 30 -11.22 -1.88 11.12
N GLY B 31 -11.40 -3.06 10.53
CA GLY B 31 -11.84 -4.24 11.27
C GLY B 31 -10.66 -5.06 11.74
N ASN B 32 -10.85 -6.38 11.79
CA ASN B 32 -9.80 -7.30 12.20
C ASN B 32 -10.17 -8.74 11.81
N TRP B 33 -9.26 -9.42 11.12
CA TRP B 33 -9.46 -10.83 10.79
C TRP B 33 -9.44 -11.65 12.08
N ALA B 34 -10.30 -12.66 12.15
CA ALA B 34 -10.54 -13.40 13.40
C ALA B 34 -9.29 -14.10 13.93
N GLY B 35 -8.79 -13.62 15.08
CA GLY B 35 -7.70 -14.27 15.79
C GLY B 35 -6.30 -13.94 15.28
N VAL B 36 -6.16 -12.82 14.58
CA VAL B 36 -4.85 -12.36 14.10
C VAL B 36 -4.75 -10.83 14.18
N THR B 37 -3.53 -10.32 14.05
CA THR B 37 -3.28 -8.88 14.10
C THR B 37 -3.11 -8.31 12.69
N VAL B 38 -4.17 -8.48 11.88
CA VAL B 38 -4.21 -7.96 10.51
C VAL B 38 -5.55 -7.26 10.29
N GLU B 39 -5.51 -6.08 9.70
CA GLU B 39 -6.70 -5.23 9.55
C GLU B 39 -7.58 -5.68 8.37
N ARG B 40 -8.82 -6.02 8.68
CA ARG B 40 -9.83 -6.36 7.67
C ARG B 40 -10.70 -5.13 7.39
N LYS B 41 -10.33 -4.36 6.36
CA LYS B 41 -11.06 -3.14 6.01
C LYS B 41 -12.32 -3.48 5.21
N GLU B 42 -13.46 -3.48 5.89
CA GLU B 42 -14.76 -3.69 5.25
C GLU B 42 -15.36 -2.35 4.84
N GLY B 43 -16.17 -2.38 3.78
CA GLY B 43 -16.86 -1.19 3.29
C GLY B 43 -18.25 -1.52 2.78
N GLN B 44 -19.06 -0.47 2.59
CA GLN B 44 -20.47 -0.63 2.21
C GLN B 44 -20.84 0.28 1.04
N PHE B 45 -21.57 -0.27 0.07
CA PHE B 45 -22.21 0.54 -0.97
C PHE B 45 -23.38 -0.19 -1.61
N SER B 46 -24.17 0.54 -2.40
CA SER B 46 -25.39 0.00 -3.00
C SER B 46 -25.35 0.06 -4.52
N THR B 47 -25.92 -0.96 -5.15
CA THR B 47 -26.23 -0.95 -6.57
C THR B 47 -27.75 -0.89 -6.71
N THR B 48 -28.24 -0.87 -7.95
CA THR B 48 -29.68 -0.87 -8.21
C THR B 48 -30.38 -2.06 -7.54
N ASP B 49 -29.76 -3.23 -7.61
CA ASP B 49 -30.35 -4.46 -7.09
C ASP B 49 -29.81 -4.84 -5.70
N HIS B 50 -28.49 -4.82 -5.54
CA HIS B 50 -27.83 -5.37 -4.35
C HIS B 50 -27.41 -4.34 -3.31
N GLN B 51 -27.27 -4.81 -2.07
CA GLN B 51 -26.61 -4.06 -0.99
C GLN B 51 -25.24 -4.69 -0.78
N VAL B 52 -24.21 -4.07 -1.33
CA VAL B 52 -22.89 -4.67 -1.40
C VAL B 52 -22.04 -4.41 -0.15
N THR B 53 -21.44 -5.47 0.38
CA THR B 53 -20.41 -5.37 1.42
C THR B 53 -19.06 -5.68 0.79
N LEU B 54 -18.24 -4.64 0.59
CA LEU B 54 -16.94 -4.80 -0.06
C LEU B 54 -15.85 -5.06 0.98
N VAL B 55 -15.04 -6.08 0.73
CA VAL B 55 -13.95 -6.46 1.64
C VAL B 55 -12.61 -6.21 0.96
N ASP B 56 -11.80 -5.35 1.55
CA ASP B 56 -10.49 -4.99 1.02
C ASP B 56 -9.43 -6.00 1.46
N LEU B 57 -9.05 -6.88 0.55
CA LEU B 57 -8.03 -7.89 0.84
C LEU B 57 -6.63 -7.29 0.68
N PRO B 58 -5.67 -7.70 1.54
CA PRO B 58 -4.30 -7.21 1.45
C PRO B 58 -3.66 -7.43 0.08
N GLY B 59 -2.84 -6.48 -0.36
CA GLY B 59 -2.19 -6.54 -1.66
C GLY B 59 -1.29 -7.75 -1.80
N THR B 60 -1.42 -8.46 -2.93
CA THR B 60 -0.64 -9.67 -3.18
C THR B 60 -0.38 -9.86 -4.67
N TYR B 61 0.84 -10.26 -5.01
CA TYR B 61 1.21 -10.55 -6.39
C TYR B 61 0.81 -11.97 -6.80
N SER B 62 0.66 -12.86 -5.83
CA SER B 62 0.34 -14.26 -6.10
C SER B 62 -0.26 -14.97 -4.90
N LEU B 63 -1.15 -15.93 -5.18
CA LEU B 63 -1.74 -16.79 -4.15
C LEU B 63 -0.78 -17.92 -3.74
N THR B 64 0.27 -18.14 -4.52
CA THR B 64 1.28 -19.16 -4.22
C THR B 64 2.57 -18.51 -3.71
N THR B 65 3.41 -19.32 -3.05
CA THR B 65 4.65 -18.82 -2.44
C THR B 65 5.68 -19.94 -2.29
N ILE B 66 6.95 -19.60 -2.52
CA ILE B 66 8.07 -20.53 -2.32
C ILE B 66 8.61 -20.47 -0.88
N SER B 67 8.62 -19.28 -0.30
CA SER B 67 9.11 -19.08 1.06
C SER B 67 8.12 -19.64 2.09
N THR B 70 7.93 -16.07 4.61
CA THR B 70 6.48 -16.13 4.39
C THR B 70 5.81 -14.79 4.69
N SER B 71 4.49 -14.73 4.48
CA SER B 71 3.72 -13.52 4.74
C SER B 71 2.29 -13.87 5.16
N LEU B 72 1.82 -13.25 6.23
CA LEU B 72 0.44 -13.42 6.71
C LEU B 72 -0.56 -12.81 5.73
N ASP B 73 -0.28 -11.58 5.30
CA ASP B 73 -1.21 -10.84 4.43
C ASP B 73 -1.53 -11.58 3.13
N GLU B 74 -0.52 -12.20 2.52
CA GLU B 74 -0.71 -12.97 1.29
C GLU B 74 -1.47 -14.28 1.53
N GLN B 75 -1.17 -14.96 2.63
CA GLN B 75 -1.83 -16.23 2.94
C GLN B 75 -3.28 -16.01 3.39
N ILE B 76 -3.56 -14.87 4.02
CA ILE B 76 -4.93 -14.48 4.36
C ILE B 76 -5.76 -14.33 3.09
N ALA B 77 -5.19 -13.65 2.09
CA ALA B 77 -5.85 -13.45 0.80
C ALA B 77 -6.18 -14.79 0.14
N CYS B 78 -5.18 -15.66 0.05
CA CYS B 78 -5.37 -16.99 -0.52
C CYS B 78 -6.39 -17.80 0.27
N HIS B 79 -6.29 -17.75 1.60
CA HIS B 79 -7.23 -18.45 2.48
C HIS B 79 -8.66 -17.91 2.33
N TYR B 80 -8.78 -16.59 2.21
CA TYR B 80 -10.07 -15.94 2.00
C TYR B 80 -10.64 -16.28 0.62
N ILE B 81 -9.80 -16.16 -0.41
CA ILE B 81 -10.19 -16.48 -1.78
C ILE B 81 -10.72 -17.92 -1.88
N LEU B 82 -9.98 -18.85 -1.25
CA LEU B 82 -10.38 -20.26 -1.25
C LEU B 82 -11.57 -20.56 -0.33
N SER B 83 -11.77 -19.76 0.71
CA SER B 83 -12.91 -19.94 1.62
C SER B 83 -14.25 -19.80 0.90
N GLY B 84 -14.32 -18.84 -0.02
CA GLY B 84 -15.54 -18.61 -0.79
C GLY B 84 -16.60 -17.83 -0.04
N ASP B 85 -16.16 -16.95 0.87
CA ASP B 85 -17.07 -16.05 1.57
C ASP B 85 -17.64 -15.03 0.60
N ALA B 86 -16.78 -14.48 -0.25
CA ALA B 86 -17.19 -13.51 -1.26
C ALA B 86 -18.02 -14.19 -2.35
N ASP B 87 -19.14 -13.57 -2.70
CA ASP B 87 -19.97 -14.02 -3.81
C ASP B 87 -19.33 -13.71 -5.16
N LEU B 88 -18.39 -12.76 -5.16
CA LEU B 88 -17.76 -12.27 -6.38
C LEU B 88 -16.46 -11.56 -6.01
N LEU B 89 -15.48 -11.59 -6.92
CA LEU B 89 -14.25 -10.84 -6.75
C LEU B 89 -14.19 -9.68 -7.74
N ILE B 90 -13.64 -8.55 -7.30
CA ILE B 90 -13.27 -7.47 -8.21
C ILE B 90 -11.75 -7.49 -8.32
N ASN B 91 -11.24 -8.04 -9.43
CA ASN B 91 -9.81 -8.10 -9.66
C ASN B 91 -9.31 -6.78 -10.22
N VAL B 92 -8.58 -6.03 -9.40
CA VAL B 92 -8.03 -4.74 -9.82
C VAL B 92 -6.73 -5.00 -10.56
N VAL B 93 -6.71 -4.61 -11.84
CA VAL B 93 -5.59 -4.93 -12.74
C VAL B 93 -5.02 -3.64 -13.34
N ASP B 94 -3.76 -3.36 -13.02
CA ASP B 94 -3.04 -2.22 -13.58
C ASP B 94 -2.81 -2.44 -15.08
N ALA B 95 -3.44 -1.60 -15.89
CA ALA B 95 -3.32 -1.67 -17.35
C ALA B 95 -1.91 -1.35 -17.84
N SER B 96 -1.23 -0.45 -17.15
CA SER B 96 0.13 -0.05 -17.53
C SER B 96 1.19 -1.12 -17.21
N ASN B 97 0.83 -2.09 -16.36
CA ASN B 97 1.69 -3.23 -16.05
C ASN B 97 0.89 -4.53 -16.19
N LEU B 98 0.43 -4.80 -17.41
CA LEU B 98 -0.53 -5.87 -17.66
C LEU B 98 0.03 -7.28 -17.41
N GLU B 99 1.27 -7.53 -17.84
CA GLU B 99 1.85 -8.87 -17.74
C GLU B 99 2.01 -9.33 -16.29
N ARG B 100 2.67 -8.51 -15.48
CA ARG B 100 2.90 -8.84 -14.06
C ARG B 100 1.58 -8.95 -13.29
N ASN B 101 0.59 -8.16 -13.68
CA ASN B 101 -0.71 -8.14 -12.99
C ASN B 101 -1.57 -9.38 -13.23
N LEU B 102 -1.51 -9.94 -14.44
CA LEU B 102 -2.37 -11.08 -14.81
C LEU B 102 -1.93 -12.43 -14.23
N TYR B 103 -0.80 -12.47 -13.53
CA TYR B 103 -0.40 -13.67 -12.77
C TYR B 103 -1.43 -13.98 -11.69
N LEU B 104 -1.79 -12.96 -10.91
CA LEU B 104 -2.83 -13.07 -9.90
C LEU B 104 -4.17 -13.41 -10.54
N THR B 105 -4.51 -12.67 -11.59
CA THR B 105 -5.77 -12.88 -12.33
C THR B 105 -5.96 -14.32 -12.78
N LEU B 106 -4.91 -14.89 -13.35
CA LEU B 106 -4.95 -16.26 -13.87
C LEU B 106 -5.29 -17.28 -12.78
N GLN B 107 -4.70 -17.10 -11.60
CA GLN B 107 -4.94 -17.98 -10.47
C GLN B 107 -6.41 -17.96 -10.02
N LEU B 108 -7.02 -16.76 -10.07
CA LEU B 108 -8.44 -16.62 -9.74
C LEU B 108 -9.31 -17.33 -10.79
N LEU B 109 -8.93 -17.21 -12.05
CA LEU B 109 -9.68 -17.81 -13.16
C LEU B 109 -9.51 -19.32 -13.25
N GLU B 110 -8.34 -19.84 -12.88
CA GLU B 110 -8.12 -21.28 -12.82
C GLU B 110 -8.92 -21.93 -11.69
N LEU B 111 -9.11 -21.19 -10.60
CA LEU B 111 -9.93 -21.67 -9.48
C LEU B 111 -11.43 -21.65 -9.78
N GLY B 112 -11.83 -20.92 -10.81
CA GLY B 112 -13.22 -20.87 -11.24
C GLY B 112 -14.09 -19.99 -10.36
N ILE B 113 -13.48 -18.93 -9.82
CA ILE B 113 -14.17 -18.02 -8.91
C ILE B 113 -14.72 -16.84 -9.70
N PRO B 114 -16.04 -16.59 -9.62
CA PRO B 114 -16.65 -15.44 -10.31
C PRO B 114 -15.89 -14.15 -10.04
N CYS B 115 -15.52 -13.44 -11.10
CA CYS B 115 -14.74 -12.21 -10.96
C CYS B 115 -15.05 -11.19 -12.06
N ILE B 116 -14.73 -9.93 -11.77
CA ILE B 116 -14.85 -8.83 -12.72
C ILE B 116 -13.54 -8.04 -12.69
N VAL B 117 -12.87 -7.95 -13.83
CA VAL B 117 -11.57 -7.28 -13.89
C VAL B 117 -11.74 -5.77 -13.98
N ALA B 118 -11.39 -5.08 -12.89
CA ALA B 118 -11.33 -3.62 -12.87
C ALA B 118 -10.02 -3.16 -13.49
N LEU B 119 -10.04 -2.96 -14.82
CA LEU B 119 -8.84 -2.60 -15.57
C LEU B 119 -8.45 -1.15 -15.29
N ASN B 120 -7.65 -0.97 -14.25
CA ASN B 120 -7.29 0.36 -13.74
C ASN B 120 -6.07 0.95 -14.45
N MET B 121 -5.85 2.25 -14.24
CA MET B 121 -4.68 2.97 -14.75
C MET B 121 -4.60 3.00 -16.28
N LEU B 122 -5.74 3.22 -16.93
CA LEU B 122 -5.78 3.38 -18.37
C LEU B 122 -5.20 4.74 -18.79
N ASP B 123 -5.35 5.73 -17.91
CA ASP B 123 -4.72 7.04 -18.11
C ASP B 123 -3.19 6.94 -18.08
N ILE B 124 -2.67 6.10 -17.18
CA ILE B 124 -1.24 5.86 -17.08
C ILE B 124 -0.77 4.88 -18.16
N ALA B 125 -1.65 3.97 -18.57
CA ALA B 125 -1.38 3.09 -19.70
C ALA B 125 -1.29 3.89 -21.01
N GLU B 126 -2.16 4.90 -21.13
CA GLU B 126 -2.21 5.73 -22.33
C GLU B 126 -0.94 6.56 -22.53
N LYS B 127 -0.37 7.08 -21.45
CA LYS B 127 0.86 7.88 -21.54
C LYS B 127 2.08 7.02 -21.91
N GLN B 128 2.01 5.72 -21.59
CA GLN B 128 3.01 4.75 -22.03
C GLN B 128 2.78 4.28 -23.47
N ASN B 129 1.79 4.86 -24.15
CA ASN B 129 1.40 4.48 -25.51
C ASN B 129 0.91 3.03 -25.59
N ILE B 130 0.23 2.59 -24.53
CA ILE B 130 -0.31 1.23 -24.46
C ILE B 130 -1.84 1.27 -24.55
N ARG B 131 -2.37 0.72 -25.63
CA ARG B 131 -3.82 0.55 -25.81
C ARG B 131 -4.20 -0.90 -25.51
N ILE B 132 -5.41 -1.10 -25.00
CA ILE B 132 -5.91 -2.43 -24.66
C ILE B 132 -7.28 -2.63 -25.28
N GLU B 133 -7.41 -3.65 -26.13
CA GLU B 133 -8.71 -4.05 -26.66
C GLU B 133 -9.45 -4.82 -25.57
N ILE B 134 -10.25 -4.10 -24.79
CA ILE B 134 -10.97 -4.66 -23.64
C ILE B 134 -11.79 -5.90 -24.00
N ASP B 135 -12.48 -5.85 -25.13
CA ASP B 135 -13.31 -6.98 -25.59
C ASP B 135 -12.49 -8.25 -25.85
N ALA B 136 -11.30 -8.09 -26.41
CA ALA B 136 -10.42 -9.23 -26.66
C ALA B 136 -9.94 -9.87 -25.37
N LEU B 137 -9.53 -9.04 -24.40
CA LEU B 137 -9.08 -9.52 -23.10
C LEU B 137 -10.19 -10.25 -22.34
N SER B 138 -11.41 -9.70 -22.40
CA SER B 138 -12.57 -10.31 -21.75
C SER B 138 -12.88 -11.70 -22.30
N ALA B 139 -12.75 -11.84 -23.62
CA ALA B 139 -12.99 -13.13 -24.30
C ALA B 139 -12.00 -14.20 -23.85
N ARG B 140 -10.73 -13.83 -23.69
CA ARG B 140 -9.68 -14.78 -23.35
C ARG B 140 -9.65 -15.13 -21.85
N LEU B 141 -10.01 -14.17 -21.00
CA LEU B 141 -10.10 -14.43 -19.56
C LEU B 141 -11.38 -15.17 -19.20
N GLY B 142 -12.43 -14.98 -20.00
CA GLY B 142 -13.72 -15.60 -19.74
C GLY B 142 -14.51 -14.92 -18.65
N CYS B 143 -14.25 -13.61 -18.46
CA CYS B 143 -14.96 -12.81 -17.47
C CYS B 143 -15.00 -11.35 -17.93
N PRO B 144 -15.90 -10.53 -17.34
CA PRO B 144 -15.98 -9.13 -17.74
C PRO B 144 -14.70 -8.34 -17.42
N VAL B 145 -14.35 -7.43 -18.33
CA VAL B 145 -13.23 -6.51 -18.13
C VAL B 145 -13.77 -5.08 -18.22
N ILE B 146 -13.77 -4.38 -17.09
CA ILE B 146 -14.28 -3.02 -17.02
C ILE B 146 -13.12 -2.01 -17.05
N PRO B 147 -13.13 -1.09 -18.02
CA PRO B 147 -12.10 -0.05 -18.07
C PRO B 147 -12.34 1.02 -17.01
N LEU B 148 -11.31 1.37 -16.25
CA LEU B 148 -11.46 2.26 -15.09
C LEU B 148 -10.29 3.20 -14.86
N VAL B 149 -10.58 4.31 -14.19
CA VAL B 149 -9.59 5.23 -13.66
C VAL B 149 -10.07 5.62 -12.27
N ALA B 150 -9.50 5.00 -11.24
CA ALA B 150 -10.00 5.08 -9.87
C ALA B 150 -10.05 6.50 -9.29
N THR B 151 -9.13 7.37 -9.72
CA THR B 151 -9.09 8.75 -9.24
C THR B 151 -10.22 9.62 -9.82
N ASP B 152 -10.77 9.20 -10.97
CA ASP B 152 -11.90 9.89 -11.59
C ASP B 152 -13.22 9.28 -11.10
N THR B 153 -14.02 10.08 -10.40
CA THR B 153 -15.29 9.64 -9.83
C THR B 153 -16.30 9.25 -10.90
N LYS B 154 -16.43 10.09 -11.92
CA LYS B 154 -17.43 9.90 -12.97
C LYS B 154 -17.06 8.74 -13.89
N ASN B 155 -15.77 8.42 -13.95
CA ASN B 155 -15.29 7.23 -14.66
C ASN B 155 -15.71 5.97 -13.90
N VAL B 156 -15.49 5.97 -12.58
CA VAL B 156 -15.88 4.86 -11.73
C VAL B 156 -17.39 4.66 -11.71
N GLN B 157 -18.13 5.76 -11.76
CA GLN B 157 -19.59 5.73 -11.68
C GLN B 157 -20.31 5.37 -12.99
N PHE B 158 -19.56 5.10 -14.06
CA PHE B 158 -20.17 4.81 -15.36
C PHE B 158 -20.93 3.47 -15.39
N VAL B 159 -20.19 2.36 -15.35
CA VAL B 159 -20.79 1.03 -15.57
C VAL B 159 -20.45 -0.04 -14.52
N LEU B 160 -19.48 0.22 -13.63
CA LEU B 160 -19.01 -0.80 -12.69
C LEU B 160 -20.15 -1.37 -11.84
N LYS B 161 -20.98 -0.49 -11.28
CA LYS B 161 -22.12 -0.92 -10.46
C LYS B 161 -23.15 -1.72 -11.28
N LEU B 162 -23.37 -1.29 -12.53
CA LEU B 162 -24.25 -2.03 -13.44
C LEU B 162 -23.69 -3.42 -13.72
N ALA B 163 -22.38 -3.52 -13.93
CA ALA B 163 -21.71 -4.80 -14.20
C ALA B 163 -21.77 -5.76 -13.00
N ILE B 164 -21.77 -5.20 -11.79
CA ILE B 164 -21.89 -6.01 -10.56
C ILE B 164 -23.26 -6.70 -10.48
N ASP B 165 -24.31 -6.02 -10.95
CA ASP B 165 -25.66 -6.59 -10.98
C ASP B 165 -25.81 -7.69 -12.03
N ARG B 166 -24.95 -7.71 -13.05
CA ARG B 166 -24.95 -8.75 -14.07
C ARG B 166 -23.92 -9.85 -13.81
N TYR B 167 -23.44 -9.96 -12.57
CA TYR B 167 -22.40 -10.94 -12.24
C TYR B 167 -22.95 -12.37 -12.35
N LYS B 168 -22.07 -13.29 -12.73
CA LYS B 168 -22.44 -14.70 -12.89
C LYS B 168 -21.19 -15.55 -13.05
N ALA B 169 -21.37 -16.83 -13.34
CA ALA B 169 -20.25 -17.75 -13.55
C ALA B 169 -19.38 -17.29 -14.71
N ASN B 170 -18.06 -17.47 -14.57
CA ASN B 170 -17.11 -17.14 -15.62
C ASN B 170 -17.31 -18.08 -16.82
N GLU B 171 -17.06 -17.57 -18.01
CA GLU B 171 -17.06 -18.41 -19.21
C GLU B 171 -15.94 -19.42 -19.07
N ASN B 172 -16.26 -20.70 -19.18
CA ASN B 172 -15.27 -21.76 -19.03
C ASN B 172 -14.40 -21.88 -20.29
N VAL B 173 -13.56 -20.87 -20.50
CA VAL B 173 -12.67 -20.85 -21.66
C VAL B 173 -11.39 -21.62 -21.37
N GLU B 174 -10.63 -21.91 -22.43
CA GLU B 174 -9.36 -22.63 -22.30
C GLU B 174 -8.25 -21.62 -21.97
N LEU B 175 -7.50 -21.91 -20.91
CA LEU B 175 -6.42 -21.03 -20.46
C LEU B 175 -5.04 -21.67 -20.64
N VAL B 176 -4.51 -22.28 -19.58
CA VAL B 176 -3.16 -22.84 -19.62
C VAL B 176 -3.19 -24.28 -20.14
N HIS B 177 -2.18 -24.64 -20.94
CA HIS B 177 -2.05 -25.99 -21.48
C HIS B 177 -0.90 -26.70 -20.78
N TYR B 178 -1.21 -27.35 -19.66
CA TYR B 178 -0.20 -28.07 -18.88
C TYR B 178 0.15 -29.40 -19.53
N ALA B 179 1.37 -29.87 -19.28
CA ALA B 179 1.81 -31.17 -19.78
C ALA B 179 0.96 -32.27 -19.14
N GLN B 180 0.48 -33.19 -19.96
CA GLN B 180 -0.51 -34.20 -19.53
C GLN B 180 -0.12 -34.98 -18.28
N PRO B 181 1.17 -35.40 -18.16
CA PRO B 181 1.56 -36.10 -16.94
C PRO B 181 1.39 -35.27 -15.65
N LEU B 182 1.56 -33.95 -15.75
CA LEU B 182 1.30 -33.06 -14.60
C LEU B 182 -0.18 -33.08 -14.23
N LEU B 183 -1.04 -32.98 -15.24
CA LEU B 183 -2.49 -32.98 -15.03
C LEU B 183 -2.99 -34.32 -14.49
N ASN B 184 -2.46 -35.42 -15.04
CA ASN B 184 -2.77 -36.76 -14.54
C ASN B 184 -2.34 -36.94 -13.08
N GLU B 185 -1.16 -36.42 -12.75
CA GLU B 185 -0.62 -36.50 -11.39
C GLU B 185 -1.37 -35.55 -10.45
N ALA B 186 -1.79 -34.41 -10.97
CA ALA B 186 -2.58 -33.44 -10.20
C ALA B 186 -3.96 -33.99 -9.88
N ASP B 187 -4.53 -34.78 -10.79
CA ASP B 187 -5.82 -35.42 -10.58
C ASP B 187 -5.76 -36.49 -9.49
N SER B 188 -4.62 -37.18 -9.39
CA SER B 188 -4.42 -38.21 -8.37
C SER B 188 -4.38 -37.63 -6.96
N LEU B 189 -3.69 -36.51 -6.80
CA LEU B 189 -3.68 -35.80 -5.52
C LEU B 189 -5.05 -35.22 -5.19
N ALA B 190 -5.76 -34.76 -6.22
CA ALA B 190 -7.09 -34.16 -6.07
C ALA B 190 -8.14 -35.14 -5.55
N LYS B 191 -8.17 -36.35 -6.10
CA LYS B 191 -9.18 -37.35 -5.71
C LYS B 191 -9.11 -37.80 -4.25
N VAL B 192 -7.94 -37.66 -3.62
CA VAL B 192 -7.78 -37.99 -2.19
C VAL B 192 -7.95 -36.78 -1.25
N MET B 193 -7.99 -35.57 -1.81
CA MET B 193 -8.26 -34.36 -1.04
C MET B 193 -9.73 -34.35 -0.56
N PRO B 194 -10.04 -33.48 0.43
CA PRO B 194 -11.41 -33.28 0.90
C PRO B 194 -12.40 -33.07 -0.25
N SER B 195 -13.43 -33.93 -0.30
CA SER B 195 -14.35 -33.97 -1.45
C SER B 195 -15.31 -32.78 -1.57
N ASP B 196 -15.45 -32.00 -0.50
CA ASP B 196 -16.32 -30.81 -0.53
C ASP B 196 -15.68 -29.61 -1.25
N ILE B 197 -14.38 -29.67 -1.51
CA ILE B 197 -13.72 -28.69 -2.36
C ILE B 197 -13.98 -29.10 -3.80
N PRO B 198 -14.37 -28.14 -4.67
CA PRO B 198 -14.58 -28.49 -6.08
C PRO B 198 -13.35 -29.15 -6.71
N LEU B 199 -13.59 -30.14 -7.57
CA LEU B 199 -12.49 -30.91 -8.16
C LEU B 199 -11.53 -30.03 -8.96
N LYS B 200 -12.08 -29.01 -9.62
CA LYS B 200 -11.27 -28.02 -10.34
C LYS B 200 -10.26 -27.35 -9.41
N GLN B 201 -10.71 -26.98 -8.21
CA GLN B 201 -9.85 -26.33 -7.22
C GLN B 201 -8.88 -27.31 -6.57
N ARG B 202 -9.29 -28.56 -6.39
CA ARG B 202 -8.39 -29.61 -5.92
C ARG B 202 -7.33 -29.96 -6.96
N ARG B 203 -7.72 -29.91 -8.23
CA ARG B 203 -6.78 -30.11 -9.34
C ARG B 203 -5.80 -28.94 -9.45
N TRP B 204 -6.25 -27.74 -9.07
CA TRP B 204 -5.35 -26.59 -8.96
C TRP B 204 -4.35 -26.81 -7.83
N LEU B 205 -4.87 -27.10 -6.62
CA LEU B 205 -4.03 -27.33 -5.45
C LEU B 205 -2.95 -28.39 -5.71
N GLY B 206 -3.38 -29.53 -6.25
CA GLY B 206 -2.45 -30.61 -6.59
C GLY B 206 -1.37 -30.18 -7.56
N LEU B 207 -1.73 -29.31 -8.50
CA LEU B 207 -0.79 -28.76 -9.48
C LEU B 207 0.18 -27.76 -8.85
N GLN B 208 -0.33 -26.94 -7.92
CA GLN B 208 0.51 -25.98 -7.19
C GLN B 208 1.48 -26.67 -6.25
N MET B 209 1.03 -27.76 -5.62
CA MET B 209 1.87 -28.54 -4.72
C MET B 209 3.05 -29.18 -5.47
N LEU B 210 2.74 -29.77 -6.63
CA LEU B 210 3.78 -30.34 -7.50
C LEU B 210 4.82 -29.29 -7.90
N GLU B 211 4.38 -28.05 -8.11
CA GLU B 211 5.28 -26.94 -8.43
C GLU B 211 6.17 -26.55 -7.25
N GLY B 212 5.61 -26.61 -6.04
CA GLY B 212 6.36 -26.26 -4.82
C GLY B 212 5.67 -25.34 -3.83
N ASP B 213 4.45 -24.90 -4.15
CA ASP B 213 3.69 -24.01 -3.26
C ASP B 213 3.39 -24.69 -1.92
N ILE B 214 3.60 -23.95 -0.83
CA ILE B 214 3.40 -24.47 0.53
C ILE B 214 2.00 -24.21 1.11
N TYR B 215 1.32 -23.16 0.61
CA TYR B 215 -0.03 -22.84 1.08
C TYR B 215 -1.05 -23.90 0.70
N SER B 216 -0.86 -24.53 -0.47
CA SER B 216 -1.73 -25.61 -0.93
C SER B 216 -1.55 -26.91 -0.12
N ARG B 217 -0.53 -26.94 0.74
CA ARG B 217 -0.24 -28.09 1.60
C ARG B 217 -0.83 -27.91 3.01
N ALA B 218 -1.68 -26.91 3.19
CA ALA B 218 -2.45 -26.72 4.42
C ALA B 218 -3.90 -27.13 4.20
N TYR B 219 -4.49 -26.68 3.09
CA TYR B 219 -5.83 -27.10 2.69
C TYR B 219 -5.87 -28.60 2.37
N ALA B 220 -4.88 -29.07 1.63
CA ALA B 220 -4.75 -30.49 1.32
C ALA B 220 -4.24 -31.25 2.53
N GLY B 221 -3.10 -30.82 3.06
CA GLY B 221 -2.54 -31.38 4.29
C GLY B 221 -1.94 -32.77 4.12
N GLU B 222 -2.79 -33.78 4.24
CA GLU B 222 -2.36 -35.18 4.18
C GLU B 222 -1.97 -35.61 2.77
N ALA B 223 -2.48 -34.90 1.75
CA ALA B 223 -2.16 -35.20 0.35
C ALA B 223 -0.70 -34.93 0.00
N SER B 224 -0.02 -34.09 0.77
CA SER B 224 1.40 -33.78 0.55
C SER B 224 2.32 -34.96 0.85
N GLN B 225 1.81 -35.98 1.53
CA GLN B 225 2.56 -37.21 1.80
C GLN B 225 2.97 -37.96 0.52
N HIS B 226 2.20 -37.77 -0.56
CA HIS B 226 2.37 -38.53 -1.79
C HIS B 226 3.02 -37.68 -2.89
N LEU B 227 3.68 -36.59 -2.50
CA LEU B 227 4.17 -35.60 -3.44
C LEU B 227 5.59 -35.92 -3.89
N ASP B 228 6.47 -36.23 -2.94
CA ASP B 228 7.88 -36.54 -3.23
C ASP B 228 8.07 -37.79 -4.10
N ALA B 229 7.14 -38.74 -4.03
CA ALA B 229 7.15 -39.91 -4.91
C ALA B 229 6.51 -39.59 -6.26
N ALA B 230 5.49 -38.72 -6.25
CA ALA B 230 4.85 -38.25 -7.47
C ALA B 230 5.82 -37.42 -8.32
N LEU B 231 6.69 -36.65 -7.67
CA LEU B 231 7.73 -35.90 -8.36
C LEU B 231 8.78 -36.81 -8.98
N ALA B 232 9.14 -37.89 -8.27
CA ALA B 232 10.07 -38.89 -8.79
C ALA B 232 9.51 -39.60 -10.02
N ARG B 233 8.18 -39.77 -10.04
CA ARG B 233 7.47 -40.38 -11.15
C ARG B 233 7.51 -39.49 -12.40
N LEU B 234 7.32 -38.18 -12.19
CA LEU B 234 7.30 -37.21 -13.29
C LEU B 234 8.68 -36.97 -13.92
N ARG B 235 9.75 -37.32 -13.21
CA ARG B 235 11.12 -37.16 -13.72
C ARG B 235 11.46 -38.10 -14.88
N ASN B 236 10.61 -39.08 -15.14
CA ASN B 236 10.80 -39.98 -16.30
C ASN B 236 10.40 -39.30 -17.61
N GLU B 237 9.38 -38.45 -17.54
CA GLU B 237 8.89 -37.73 -18.73
C GLU B 237 9.31 -36.25 -18.77
N MET B 238 9.89 -35.75 -17.68
CA MET B 238 10.47 -34.40 -17.62
C MET B 238 11.77 -34.49 -16.82
N ASP B 239 12.48 -33.38 -16.68
CA ASP B 239 13.66 -33.33 -15.81
C ASP B 239 13.33 -32.63 -14.49
N ASP B 240 12.54 -31.57 -14.56
CA ASP B 240 12.03 -30.88 -13.39
C ASP B 240 10.60 -30.41 -13.69
N PRO B 241 9.57 -31.10 -13.15
CA PRO B 241 8.19 -30.77 -13.47
C PRO B 241 7.73 -29.39 -12.96
N ALA B 242 8.36 -28.90 -11.90
CA ALA B 242 8.07 -27.57 -11.37
C ALA B 242 8.29 -26.47 -12.42
N LEU B 243 9.35 -26.63 -13.22
CA LEU B 243 9.65 -25.69 -14.31
C LEU B 243 8.66 -25.82 -15.46
N HIS B 244 8.29 -27.05 -15.78
CA HIS B 244 7.29 -27.31 -16.84
C HIS B 244 5.93 -26.70 -16.52
N ILE B 245 5.59 -26.63 -15.23
CA ILE B 245 4.36 -25.98 -14.77
C ILE B 245 4.43 -24.47 -15.03
N ALA B 246 5.56 -23.86 -14.70
CA ALA B 246 5.78 -22.43 -14.91
C ALA B 246 5.88 -22.08 -16.39
N ASP B 247 6.43 -22.99 -17.20
CA ASP B 247 6.53 -22.80 -18.64
C ASP B 247 5.17 -22.60 -19.29
N ALA B 248 4.24 -23.49 -18.97
CA ALA B 248 2.87 -23.41 -19.50
C ALA B 248 2.16 -22.14 -19.05
N ARG B 249 2.34 -21.79 -17.78
CA ARG B 249 1.72 -20.59 -17.21
CA ARG B 249 1.72 -20.59 -17.21
C ARG B 249 2.14 -19.33 -17.97
N TYR B 250 3.44 -19.20 -18.24
CA TYR B 250 3.95 -18.04 -18.97
C TYR B 250 3.44 -17.99 -20.41
N GLN B 251 3.45 -19.14 -21.08
CA GLN B 251 2.97 -19.23 -22.47
C GLN B 251 1.54 -18.73 -22.62
N CYS B 252 0.70 -19.03 -21.63
CA CYS B 252 -0.69 -18.55 -21.61
C CYS B 252 -0.74 -17.04 -21.33
N ILE B 253 -0.01 -16.59 -20.30
CA ILE B 253 0.03 -15.19 -19.93
C ILE B 253 0.56 -14.33 -21.09
N ALA B 254 1.72 -14.71 -21.62
CA ALA B 254 2.36 -13.98 -22.72
C ALA B 254 1.45 -13.88 -23.94
N ALA B 255 0.80 -14.98 -24.30
CA ALA B 255 -0.11 -15.03 -25.44
C ALA B 255 -1.29 -14.08 -25.26
N ILE B 256 -1.89 -14.09 -24.07
CA ILE B 256 -3.02 -13.21 -23.75
C ILE B 256 -2.59 -11.75 -23.73
N CYS B 257 -1.37 -11.48 -23.26
CA CYS B 257 -0.82 -10.12 -23.24
C CYS B 257 -0.50 -9.62 -24.64
N ASP B 258 0.14 -10.46 -25.46
CA ASP B 258 0.55 -10.08 -26.82
C ASP B 258 -0.64 -9.73 -27.71
N VAL B 259 -1.64 -10.60 -27.74
CA VAL B 259 -2.84 -10.40 -28.57
C VAL B 259 -3.66 -9.19 -28.13
N VAL B 260 -3.66 -8.90 -26.83
CA VAL B 260 -4.46 -7.81 -26.27
C VAL B 260 -3.75 -6.46 -26.30
N SER B 261 -2.46 -6.45 -25.94
CA SER B 261 -1.70 -5.20 -25.81
C SER B 261 -1.39 -4.59 -27.18
N ASN B 262 -1.80 -3.33 -27.37
CA ASN B 262 -1.63 -2.62 -28.64
C ASN B 262 -0.90 -1.29 -28.44
N THR B 263 -0.50 -0.68 -29.55
CA THR B 263 0.03 0.68 -29.54
C THR B 263 -1.12 1.65 -29.80
N LEU B 264 -1.22 2.70 -28.97
CA LEU B 264 -2.28 3.69 -29.10
C LEU B 264 -1.78 4.90 -29.89
N3B GNH C . 0.43 2.70 -1.38
PB GNH C . 1.43 4.09 -1.77
O1B GNH C . 1.34 5.08 -0.68
O2B GNH C . 2.95 3.61 -1.94
O3A GNH C . 0.92 4.76 -3.14
PA GNH C . 1.33 4.14 -4.57
O1A GNH C . 2.71 4.65 -4.94
O2A GNH C . 1.08 2.65 -4.54
O5' GNH C . 0.26 4.81 -5.56
C5' GNH C . -1.14 4.61 -5.34
C4' GNH C . -1.92 4.89 -6.62
O4' GNH C . -1.85 6.28 -6.96
C3' GNH C . -1.38 4.11 -7.81
O3' GNH C . -2.46 3.54 -8.54
C2' GNH C . -0.63 5.14 -8.64
O2' GNH C . -0.72 4.88 -10.05
C1' GNH C . -1.31 6.46 -8.27
N9 GNH C . -0.38 7.62 -8.28
C8 GNH C . 0.80 7.72 -7.66
N7 GNH C . 1.36 8.94 -7.89
C5 GNH C . 0.51 9.64 -8.66
C6 GNH C . 0.46 11.00 -9.25
O6 GNH C . 1.40 11.81 -9.09
N1 GNH C . -0.62 11.33 -9.99
C2 GNH C . -1.65 10.48 -10.19
N2 GNH C . -2.70 10.87 -10.94
N3 GNH C . -1.67 9.22 -9.66
C4 GNH C . -0.64 8.77 -8.90
#